data_7Q8D
#
_entry.id   7Q8D
#
_cell.length_a   93.82
_cell.length_b   93.82
_cell.length_c   124.92
_cell.angle_alpha   90.00
_cell.angle_beta   90.00
_cell.angle_gamma   90.00
#
_symmetry.space_group_name_H-M   'P 43 21 2'
#
loop_
_entity.id
_entity.type
_entity.pdbx_description
1 polymer 'Cathepsin L2'
2 polymer ASP-LEU-GLU(AMI)
3 non-polymer (4S)-2-METHYL-2,4-PENTANEDIOL
4 non-polymer 'CHLORIDE ION'
5 non-polymer GLYCEROL
6 water water
#
loop_
_entity_poly.entity_id
_entity_poly.type
_entity_poly.pdbx_seq_one_letter_code
_entity_poly.pdbx_strand_id
1 'polypeptide(L)'
;LPKSVDWRKKGYVTPVKNQKQCGSAWAFSATGALEGQMFRKTGKLVSLSEQNLVDCSRPQGNQGCNGGFMARAFQYVKEN
GGLDSEESYPYVAVDEICKYRPENSVAQDTGFTVVAPGKEKALMKAVATVGPISVAMDAGHSSFQFYKSGIYFEPDCSSK
NLDHGVLVVGYGFEGANSQNSKYWLVKNSWGPEWGSNGYVKIAKDKNNHCGIATAASYPNV
;
AA,BA
2 'polypeptide(L)' (ACE)TRESEDLE(NH2) PA,PB
#
loop_
_chem_comp.id
_chem_comp.type
_chem_comp.name
_chem_comp.formula
ACE non-polymer 'ACETYL GROUP' 'C2 H4 O'
CL non-polymer 'CHLORIDE ION' 'Cl -1'
GOL non-polymer GLYCEROL 'C3 H8 O3'
MPD non-polymer (4S)-2-METHYL-2,4-PENTANEDIOL 'C6 H14 O2'
NH2 non-polymer 'AMINO GROUP' 'H2 N'
#
# COMPACT_ATOMS: atom_id res chain seq x y z
N LEU A 1 -14.00 -4.26 19.30
CA LEU A 1 -12.96 -3.96 18.31
C LEU A 1 -13.49 -3.46 16.96
N PRO A 2 -12.68 -2.74 16.19
CA PRO A 2 -13.13 -2.26 14.90
C PRO A 2 -13.51 -3.36 13.97
N LYS A 3 -14.44 -3.08 13.03
CA LYS A 3 -14.85 -4.07 12.05
C LYS A 3 -13.70 -4.35 11.06
N SER A 4 -12.81 -3.35 10.87
CA SER A 4 -11.70 -3.54 9.96
C SER A 4 -10.59 -2.59 10.40
N VAL A 5 -9.36 -2.97 10.07
CA VAL A 5 -8.17 -2.22 10.41
C VAL A 5 -7.21 -2.33 9.28
N ASP A 6 -6.55 -1.22 8.91
CA ASP A 6 -5.50 -1.28 7.92
C ASP A 6 -4.47 -0.19 8.24
N TRP A 7 -3.39 -0.60 8.93
CA TRP A 7 -2.37 0.42 9.30
C TRP A 7 -1.68 1.06 8.14
N ARG A 8 -1.77 0.44 6.97
CA ARG A 8 -1.19 1.08 5.75
C ARG A 8 -1.82 2.42 5.47
N LYS A 9 -3.12 2.58 5.82
CA LYS A 9 -3.83 3.83 5.58
C LYS A 9 -3.49 4.92 6.58
N LYS A 10 -2.68 4.59 7.57
CA LYS A 10 -2.34 5.53 8.62
C LYS A 10 -0.86 5.87 8.64
N GLY A 11 -0.08 5.26 7.70
CA GLY A 11 1.34 5.62 7.55
C GLY A 11 2.37 4.79 8.29
N TYR A 12 1.93 3.68 8.88
CA TYR A 12 2.75 2.78 9.69
C TYR A 12 3.56 1.79 8.92
N VAL A 13 3.33 1.66 7.61
CA VAL A 13 3.96 0.58 6.86
C VAL A 13 4.78 1.03 5.69
N THR A 14 6.03 0.53 5.60
CA THR A 14 6.87 0.86 4.47
C THR A 14 6.47 0.07 3.21
N PRO A 15 6.91 0.49 2.03
CA PRO A 15 6.60 -0.24 0.81
C PRO A 15 7.12 -1.67 0.90
N VAL A 16 6.58 -2.56 0.08
CA VAL A 16 6.97 -3.99 0.09
C VAL A 16 8.43 -4.16 -0.33
N LYS A 17 9.19 -5.00 0.43
CA LYS A 17 10.59 -5.29 0.17
C LYS A 17 10.67 -6.71 -0.37
N ASN A 18 11.88 -7.11 -0.70
CA ASN A 18 12.12 -8.42 -1.33
C ASN A 18 13.29 -9.08 -0.68
N GLN A 19 13.06 -10.20 0.01
CA GLN A 19 14.13 -10.96 0.65
C GLN A 19 15.01 -11.71 -0.40
N LYS A 20 14.54 -11.80 -1.63
CA LYS A 20 15.24 -12.54 -2.71
C LYS A 20 15.61 -13.99 -2.28
N GLN A 21 16.82 -14.47 -2.65
CA GLN A 21 17.11 -15.88 -2.31
C GLN A 21 17.81 -16.08 -1.00
N CYS A 22 17.24 -15.58 0.04
CA CYS A 22 17.80 -15.66 1.37
C CYS A 22 16.66 -15.97 2.29
N GLY A 23 16.82 -16.91 3.22
CA GLY A 23 15.73 -17.28 4.11
C GLY A 23 15.67 -16.30 5.27
N SER A 24 15.38 -15.03 4.95
CA SER A 24 15.39 -13.96 5.98
C SER A 24 13.98 -13.39 6.21
N ALA A 25 12.92 -14.15 5.90
CA ALA A 25 11.58 -13.54 6.06
C ALA A 25 11.38 -13.11 7.49
N TRP A 26 11.97 -13.90 8.44
CA TRP A 26 11.88 -13.52 9.86
C TRP A 26 12.37 -12.11 10.10
N ALA A 27 13.43 -11.69 9.36
CA ALA A 27 14.00 -10.37 9.56
C ALA A 27 13.09 -9.32 8.99
N PHE A 28 12.47 -9.60 7.81
CA PHE A 28 11.53 -8.63 7.26
C PHE A 28 10.28 -8.48 8.11
N SER A 29 9.80 -9.60 8.66
CA SER A 29 8.63 -9.48 9.54
C SER A 29 8.99 -8.62 10.77
N ALA A 30 10.21 -8.83 11.34
CA ALA A 30 10.64 -8.08 12.52
C ALA A 30 10.81 -6.60 12.20
N THR A 31 11.48 -6.29 11.07
CA THR A 31 11.65 -4.85 10.79
C THR A 31 10.28 -4.23 10.52
N GLY A 32 9.41 -5.00 9.87
CA GLY A 32 8.07 -4.48 9.59
C GLY A 32 7.37 -4.10 10.90
N ALA A 33 7.43 -5.02 11.90
CA ALA A 33 6.75 -4.71 13.17
C ALA A 33 7.41 -3.51 13.87
N LEU A 34 8.75 -3.49 13.84
CA LEU A 34 9.52 -2.39 14.48
C LEU A 34 9.22 -1.06 13.77
N GLU A 35 9.10 -1.11 12.44
CA GLU A 35 8.80 0.12 11.70
C GLU A 35 7.47 0.74 12.16
N GLY A 36 6.46 -0.11 12.33
CA GLY A 36 5.15 0.40 12.76
C GLY A 36 5.21 0.92 14.19
N GLN A 37 5.90 0.21 15.10
CA GLN A 37 5.95 0.68 16.48
C GLN A 37 6.75 1.97 16.61
N MET A 38 7.84 2.11 15.84
CA MET A 38 8.58 3.36 15.90
C MET A 38 7.74 4.50 15.35
N PHE A 39 6.91 4.22 14.31
CA PHE A 39 6.04 5.27 13.77
C PHE A 39 5.04 5.70 14.81
N ARG A 40 4.46 4.74 15.55
CA ARG A 40 3.52 5.08 16.58
C ARG A 40 4.16 5.99 17.61
N LYS A 41 5.40 5.68 17.96
CA LYS A 41 6.15 6.43 18.96
C LYS A 41 6.59 7.84 18.53
N THR A 42 7.02 7.99 17.27
CA THR A 42 7.63 9.25 16.84
C THR A 42 6.97 9.97 15.70
N GLY A 43 6.05 9.31 14.99
CA GLY A 43 5.46 9.96 13.82
C GLY A 43 6.35 9.93 12.59
N LYS A 44 7.51 9.23 12.65
CA LYS A 44 8.38 9.15 11.51
C LYS A 44 8.49 7.70 11.02
N LEU A 45 8.29 7.51 9.74
CA LEU A 45 8.39 6.17 9.15
C LEU A 45 9.77 6.00 8.60
N VAL A 46 10.58 5.12 9.19
CA VAL A 46 11.93 4.97 8.70
C VAL A 46 12.15 3.51 8.40
N SER A 47 12.54 3.19 7.17
CA SER A 47 12.83 1.79 6.79
C SER A 47 14.01 1.25 7.62
N LEU A 48 13.87 0.03 8.17
CA LEU A 48 14.91 -0.54 9.04
C LEU A 48 15.67 -1.68 8.37
N SER A 49 16.88 -1.95 8.88
CA SER A 49 17.76 -2.90 8.23
C SER A 49 17.57 -4.38 8.53
N GLU A 50 17.09 -5.13 7.51
CA GLU A 50 17.01 -6.58 7.65
C GLU A 50 18.43 -7.17 7.64
N GLN A 51 19.32 -6.57 6.85
CA GLN A 51 20.71 -7.09 6.80
C GLN A 51 21.40 -7.00 8.19
N ASN A 52 21.10 -5.93 8.94
CA ASN A 52 21.67 -5.81 10.29
C ASN A 52 21.24 -7.01 11.14
N LEU A 53 19.95 -7.42 11.00
CA LEU A 53 19.43 -8.60 11.72
C LEU A 53 20.10 -9.90 11.21
N VAL A 54 20.17 -10.03 9.90
CA VAL A 54 20.77 -11.24 9.33
C VAL A 54 22.24 -11.43 9.78
N ASP A 55 23.00 -10.38 9.69
CA ASP A 55 24.41 -10.46 10.01
C ASP A 55 24.76 -10.54 11.49
N CYS A 56 23.93 -9.94 12.34
CA CYS A 56 24.31 -9.74 13.75
C CYS A 56 23.56 -10.53 14.82
N SER A 57 22.46 -11.21 14.47
CA SER A 57 21.70 -11.85 15.53
C SER A 57 21.87 -13.37 15.68
N ARG A 58 23.04 -13.90 15.27
CA ARG A 58 23.29 -15.35 15.50
C ARG A 58 23.34 -15.69 16.99
N PRO A 59 23.90 -14.83 17.82
CA PRO A 59 23.97 -15.11 19.26
C PRO A 59 22.64 -15.32 19.91
N GLN A 60 21.58 -14.66 19.35
CA GLN A 60 20.22 -14.76 19.87
C GLN A 60 19.52 -15.95 19.27
N GLY A 61 20.21 -16.70 18.42
CA GLY A 61 19.64 -17.92 17.90
C GLY A 61 19.16 -17.85 16.47
N ASN A 62 19.36 -16.74 15.75
CA ASN A 62 18.96 -16.71 14.33
C ASN A 62 20.07 -17.29 13.49
N GLN A 63 19.78 -17.68 12.22
CA GLN A 63 20.79 -18.32 11.38
C GLN A 63 20.88 -17.61 10.06
N GLY A 64 20.75 -16.28 10.09
CA GLY A 64 20.90 -15.50 8.86
C GLY A 64 19.98 -15.88 7.74
N CYS A 65 20.58 -16.23 6.56
CA CYS A 65 19.83 -16.61 5.39
C CYS A 65 19.31 -18.04 5.50
N ASN A 66 19.67 -18.75 6.58
CA ASN A 66 19.11 -20.08 6.74
C ASN A 66 17.95 -20.10 7.78
N GLY A 67 17.31 -18.97 8.06
CA GLY A 67 16.16 -19.02 8.93
C GLY A 67 16.34 -18.29 10.23
N GLY A 68 15.24 -18.04 10.92
CA GLY A 68 15.32 -17.27 12.17
C GLY A 68 13.93 -17.06 12.73
N PHE A 69 13.82 -16.27 13.78
CA PHE A 69 12.48 -16.02 14.40
C PHE A 69 12.40 -14.58 14.77
N MET A 70 11.22 -13.99 14.59
CA MET A 70 11.06 -12.58 14.94
C MET A 70 11.32 -12.30 16.42
N ALA A 71 10.91 -13.22 17.32
CA ALA A 71 11.16 -12.91 18.75
C ALA A 71 12.66 -12.81 19.05
N ARG A 72 13.43 -13.67 18.39
CA ARG A 72 14.89 -13.60 18.57
C ARG A 72 15.42 -12.31 17.98
N ALA A 73 14.82 -11.82 16.88
CA ALA A 73 15.26 -10.54 16.34
C ALA A 73 14.94 -9.40 17.33
N PHE A 74 13.73 -9.44 17.93
CA PHE A 74 13.43 -8.33 18.85
C PHE A 74 14.34 -8.42 20.10
N GLN A 75 14.70 -9.65 20.44
CA GLN A 75 15.62 -9.87 21.56
C GLN A 75 16.98 -9.26 21.26
N TYR A 76 17.49 -9.51 20.03
CA TYR A 76 18.72 -8.89 19.61
C TYR A 76 18.66 -7.34 19.67
N VAL A 77 17.54 -6.76 19.19
CA VAL A 77 17.52 -5.32 19.18
C VAL A 77 17.60 -4.78 20.61
N LYS A 78 16.90 -5.48 21.51
CA LYS A 78 16.94 -5.12 22.94
C LYS A 78 18.35 -5.23 23.51
N GLU A 79 18.98 -6.39 23.33
CA GLU A 79 20.32 -6.62 23.92
C GLU A 79 21.36 -5.71 23.30
N ASN A 80 21.18 -5.45 22.00
CA ASN A 80 22.09 -4.63 21.25
C ASN A 80 21.98 -3.15 21.50
N GLY A 81 20.81 -2.69 21.97
CA GLY A 81 20.58 -1.28 22.22
C GLY A 81 20.21 -0.49 20.98
N GLY A 82 19.95 -1.17 19.85
CA GLY A 82 19.58 -0.42 18.65
C GLY A 82 19.52 -1.29 17.40
N LEU A 83 19.14 -0.66 16.30
CA LEU A 83 19.00 -1.31 14.97
C LEU A 83 19.19 -0.23 13.92
N ASP A 84 20.04 -0.46 12.92
CA ASP A 84 20.33 0.55 11.91
C ASP A 84 19.26 0.69 10.87
N SER A 85 19.27 1.81 10.22
CA SER A 85 18.31 2.00 9.12
C SER A 85 18.67 1.15 7.85
N GLU A 86 17.66 0.88 7.00
CA GLU A 86 17.81 0.22 5.72
C GLU A 86 18.85 0.96 4.88
N GLU A 87 18.76 2.30 4.90
CA GLU A 87 19.68 3.10 4.08
C GLU A 87 21.09 2.99 4.54
N SER A 88 21.30 3.00 5.82
CA SER A 88 22.67 2.90 6.35
C SER A 88 23.25 1.50 6.35
N TYR A 89 22.41 0.45 6.33
CA TYR A 89 22.89 -0.94 6.40
C TYR A 89 22.00 -1.72 5.40
N PRO A 90 22.26 -1.57 4.13
CA PRO A 90 21.52 -2.18 3.03
C PRO A 90 21.51 -3.63 2.89
N TYR A 91 20.42 -4.07 2.25
CA TYR A 91 20.17 -5.49 2.10
C TYR A 91 20.86 -6.13 0.89
N VAL A 92 21.60 -7.25 1.09
CA VAL A 92 22.28 -7.90 -0.04
C VAL A 92 21.92 -9.37 -0.14
N ALA A 93 21.03 -9.85 0.76
CA ALA A 93 20.52 -11.21 0.67
C ALA A 93 21.56 -12.30 0.77
N VAL A 94 22.65 -12.07 1.53
CA VAL A 94 23.63 -13.11 1.80
C VAL A 94 24.11 -12.82 3.21
N ASP A 95 24.56 -13.84 3.91
N ASP A 95 24.50 -13.84 3.98
CA ASP A 95 25.12 -13.74 5.25
CA ASP A 95 25.01 -13.61 5.33
C ASP A 95 26.42 -12.98 5.19
C ASP A 95 26.37 -12.99 5.25
N GLU A 96 26.53 -11.88 5.95
CA GLU A 96 27.78 -11.09 5.91
C GLU A 96 28.28 -10.76 7.31
N ILE A 97 29.40 -10.05 7.36
CA ILE A 97 29.99 -9.64 8.65
C ILE A 97 29.11 -8.66 9.33
N CYS A 98 28.87 -8.83 10.64
CA CYS A 98 28.08 -7.83 11.36
C CYS A 98 28.72 -6.45 11.33
N LYS A 99 28.01 -5.43 10.80
CA LYS A 99 28.54 -4.10 10.68
C LYS A 99 27.64 -3.13 11.42
N TYR A 100 27.09 -3.59 12.53
CA TYR A 100 26.18 -2.69 13.26
C TYR A 100 26.89 -1.45 13.75
N ARG A 101 26.35 -0.28 13.42
CA ARG A 101 26.91 0.98 13.89
C ARG A 101 25.89 1.73 14.76
N PRO A 102 26.21 1.94 16.03
CA PRO A 102 25.27 2.65 16.91
C PRO A 102 24.87 4.01 16.43
N GLU A 103 25.79 4.72 15.78
CA GLU A 103 25.48 6.10 15.33
C GLU A 103 24.38 6.15 14.25
N ASN A 104 24.08 4.98 13.63
CA ASN A 104 23.09 4.91 12.57
C ASN A 104 21.85 4.26 13.02
N SER A 105 21.78 3.97 14.32
CA SER A 105 20.58 3.34 14.86
C SER A 105 19.39 4.30 14.83
N VAL A 106 18.23 3.80 14.40
CA VAL A 106 17.01 4.62 14.32
C VAL A 106 15.88 3.90 15.04
N ALA A 107 16.17 2.80 15.70
CA ALA A 107 15.13 2.05 16.44
C ALA A 107 15.68 1.34 17.66
N GLN A 108 14.82 1.11 18.63
CA GLN A 108 15.12 0.41 19.87
C GLN A 108 13.89 -0.30 20.36
N ASP A 109 14.06 -1.36 21.11
CA ASP A 109 12.93 -2.01 21.77
C ASP A 109 13.44 -2.54 23.11
N THR A 110 12.51 -2.82 24.01
CA THR A 110 12.85 -3.27 25.38
C THR A 110 12.50 -4.72 25.55
N GLY A 111 12.12 -5.39 24.44
CA GLY A 111 11.69 -6.75 24.55
C GLY A 111 10.49 -6.84 23.64
N PHE A 112 9.64 -7.78 23.89
CA PHE A 112 8.51 -7.98 22.96
C PHE A 112 7.33 -8.56 23.71
N THR A 113 6.12 -8.46 23.12
CA THR A 113 4.91 -9.05 23.67
C THR A 113 4.41 -10.16 22.78
N VAL A 114 4.02 -11.29 23.38
CA VAL A 114 3.51 -12.43 22.65
C VAL A 114 1.98 -12.43 22.70
N VAL A 115 1.36 -12.67 21.54
CA VAL A 115 -0.09 -12.80 21.44
C VAL A 115 -0.48 -14.20 21.91
N ALA A 116 -1.49 -14.31 22.81
CA ALA A 116 -1.91 -15.66 23.24
C ALA A 116 -1.92 -16.62 22.04
N PRO A 117 -1.12 -17.70 22.08
CA PRO A 117 -1.04 -18.66 20.98
C PRO A 117 -2.30 -19.32 20.50
N GLY A 118 -2.50 -19.20 19.19
CA GLY A 118 -3.63 -19.85 18.57
C GLY A 118 -4.93 -19.09 18.66
N LYS A 119 -4.92 -17.91 19.31
CA LYS A 119 -6.19 -17.24 19.40
C LYS A 119 -6.34 -16.12 18.40
N GLU A 120 -7.12 -16.34 17.33
CA GLU A 120 -7.33 -15.27 16.35
C GLU A 120 -7.99 -14.06 16.99
N LYS A 121 -8.83 -14.20 18.01
CA LYS A 121 -9.40 -12.98 18.57
C LYS A 121 -8.33 -12.24 19.34
N ALA A 122 -7.37 -12.94 19.97
CA ALA A 122 -6.31 -12.20 20.62
C ALA A 122 -5.48 -11.46 19.56
N LEU A 123 -5.26 -12.11 18.42
CA LEU A 123 -4.48 -11.44 17.38
C LEU A 123 -5.25 -10.25 16.87
N MET A 124 -6.56 -10.40 16.77
CA MET A 124 -7.40 -9.30 16.28
C MET A 124 -7.29 -8.11 17.22
N LYS A 125 -7.24 -8.39 18.54
CA LYS A 125 -7.13 -7.34 19.51
C LYS A 125 -5.77 -6.66 19.44
N ALA A 126 -4.69 -7.46 19.28
CA ALA A 126 -3.36 -6.88 19.19
C ALA A 126 -3.29 -5.98 17.97
N VAL A 127 -3.70 -6.50 16.83
CA VAL A 127 -3.68 -5.68 15.58
C VAL A 127 -4.43 -4.34 15.72
N ALA A 128 -5.64 -4.41 16.30
CA ALA A 128 -6.43 -3.18 16.43
C ALA A 128 -5.86 -2.15 17.42
N THR A 129 -5.20 -2.64 18.46
CA THR A 129 -4.71 -1.71 19.47
C THR A 129 -3.27 -1.28 19.38
N VAL A 130 -2.41 -2.08 18.72
CA VAL A 130 -0.98 -1.82 18.73
C VAL A 130 -0.39 -1.30 17.42
N GLY A 131 -0.77 -1.93 16.32
CA GLY A 131 -0.19 -1.63 15.03
C GLY A 131 0.09 -2.96 14.37
N PRO A 132 0.90 -2.96 13.30
CA PRO A 132 1.23 -4.22 12.62
C PRO A 132 1.88 -5.25 13.53
N ILE A 133 1.55 -6.52 13.30
CA ILE A 133 2.03 -7.59 14.17
C ILE A 133 2.83 -8.62 13.40
N SER A 134 4.00 -9.02 13.92
CA SER A 134 4.77 -10.13 13.26
C SER A 134 4.11 -11.46 13.51
N VAL A 135 3.96 -12.30 12.49
CA VAL A 135 3.32 -13.60 12.64
C VAL A 135 4.09 -14.65 11.80
N ALA A 136 4.04 -15.93 12.21
CA ALA A 136 4.63 -17.02 11.45
C ALA A 136 3.46 -17.65 10.67
N MET A 137 3.73 -18.24 9.53
CA MET A 137 2.64 -18.89 8.81
C MET A 137 3.19 -20.05 8.03
N ASP A 138 2.28 -20.91 7.54
CA ASP A 138 2.64 -21.99 6.66
C ASP A 138 2.45 -21.43 5.25
N ALA A 139 3.56 -21.13 4.59
CA ALA A 139 3.57 -20.59 3.22
C ALA A 139 4.09 -21.63 2.21
N GLY A 140 4.28 -22.90 2.64
CA GLY A 140 4.89 -23.93 1.79
C GLY A 140 3.97 -24.56 0.75
N HIS A 141 3.38 -23.76 -0.10
CA HIS A 141 2.43 -24.24 -1.11
C HIS A 141 2.49 -23.44 -2.36
N SER A 142 2.42 -24.13 -3.51
CA SER A 142 2.39 -23.46 -4.78
C SER A 142 1.23 -22.50 -4.84
N SER A 143 0.14 -22.84 -4.12
CA SER A 143 -1.03 -21.97 -4.15
C SER A 143 -0.65 -20.62 -3.55
N PHE A 144 0.29 -20.62 -2.58
CA PHE A 144 0.75 -19.35 -1.97
C PHE A 144 1.73 -18.65 -2.92
N GLN A 145 2.63 -19.44 -3.47
N GLN A 145 2.63 -19.41 -3.50
CA GLN A 145 3.57 -18.89 -4.42
CA GLN A 145 3.54 -18.83 -4.46
C GLN A 145 2.87 -18.18 -5.57
C GLN A 145 2.84 -18.13 -5.58
N PHE A 146 1.76 -18.75 -6.10
CA PHE A 146 1.10 -18.10 -7.22
C PHE A 146 -0.16 -17.37 -6.83
N TYR A 147 -0.31 -17.05 -5.52
CA TYR A 147 -1.47 -16.27 -5.11
C TYR A 147 -1.55 -14.91 -5.87
N LYS A 148 -2.72 -14.47 -6.28
CA LYS A 148 -2.80 -13.12 -6.91
C LYS A 148 -3.95 -12.31 -6.36
N SER A 149 -5.13 -12.94 -6.09
CA SER A 149 -6.24 -12.17 -5.58
C SER A 149 -7.15 -13.04 -4.75
N GLY A 150 -8.05 -12.40 -4.01
CA GLY A 150 -9.08 -13.11 -3.26
C GLY A 150 -8.63 -13.49 -1.88
N ILE A 151 -9.52 -14.17 -1.14
CA ILE A 151 -9.15 -14.63 0.19
C ILE A 151 -8.43 -15.96 0.06
N TYR A 152 -7.17 -15.98 0.47
CA TYR A 152 -6.41 -17.19 0.39
C TYR A 152 -6.87 -18.26 1.39
N PHE A 153 -7.12 -19.46 0.87
CA PHE A 153 -7.52 -20.63 1.66
C PHE A 153 -6.87 -21.83 1.02
N GLU A 154 -6.12 -22.60 1.78
CA GLU A 154 -5.36 -23.75 1.30
C GLU A 154 -5.60 -24.92 2.27
N PRO A 155 -6.26 -25.93 1.78
CA PRO A 155 -6.55 -27.11 2.60
C PRO A 155 -5.42 -27.80 3.18
N ASP A 156 -4.29 -27.78 2.48
CA ASP A 156 -3.09 -28.42 3.03
C ASP A 156 -2.36 -27.54 4.05
N CYS A 157 -2.93 -26.39 4.40
CA CYS A 157 -2.23 -25.50 5.35
C CYS A 157 -2.18 -26.09 6.77
N SER A 158 -1.04 -25.90 7.43
CA SER A 158 -0.88 -26.28 8.82
C SER A 158 -0.98 -25.06 9.72
N SER A 159 -1.58 -25.23 10.94
CA SER A 159 -1.64 -24.14 11.91
C SER A 159 -0.50 -24.33 12.90
N LYS A 160 0.25 -25.48 12.80
CA LYS A 160 1.31 -25.79 13.76
C LYS A 160 2.71 -25.85 13.18
N ASN A 161 2.83 -26.36 11.98
CA ASN A 161 4.14 -26.51 11.32
C ASN A 161 4.32 -25.34 10.37
N LEU A 162 5.00 -24.29 10.85
CA LEU A 162 5.16 -23.03 10.10
C LEU A 162 6.55 -22.80 9.52
N ASP A 163 6.65 -22.06 8.39
CA ASP A 163 7.93 -21.92 7.74
C ASP A 163 8.21 -20.52 7.24
N HIS A 164 7.40 -19.55 7.61
CA HIS A 164 7.58 -18.22 7.03
C HIS A 164 7.11 -17.12 7.94
N GLY A 165 7.88 -16.03 8.03
CA GLY A 165 7.44 -14.92 8.89
C GLY A 165 6.86 -13.84 7.99
N VAL A 166 5.74 -13.23 8.40
CA VAL A 166 5.08 -12.19 7.62
C VAL A 166 4.54 -11.12 8.58
N LEU A 167 3.84 -10.15 8.06
CA LEU A 167 3.39 -9.03 8.90
C LEU A 167 1.89 -8.81 8.73
N VAL A 168 1.13 -8.90 9.84
CA VAL A 168 -0.33 -8.63 9.74
C VAL A 168 -0.46 -7.13 9.91
N VAL A 169 -0.96 -6.43 8.85
CA VAL A 169 -1.09 -4.99 8.89
C VAL A 169 -2.55 -4.58 9.12
N GLY A 170 -3.42 -5.57 9.25
CA GLY A 170 -4.83 -5.25 9.49
C GLY A 170 -5.70 -6.46 9.25
N TYR A 171 -7.00 -6.22 9.18
CA TYR A 171 -7.95 -7.28 8.93
C TYR A 171 -9.20 -6.62 8.34
N GLY A 172 -10.02 -7.42 7.72
CA GLY A 172 -11.16 -6.85 7.02
C GLY A 172 -12.17 -7.92 6.69
N PHE A 173 -13.09 -7.55 5.82
CA PHE A 173 -14.13 -8.40 5.39
C PHE A 173 -14.64 -7.95 4.03
N GLU A 174 -15.16 -8.91 3.25
CA GLU A 174 -15.75 -8.60 1.95
C GLU A 174 -17.24 -8.37 2.15
N GLY A 175 -17.88 -7.68 1.22
CA GLY A 175 -19.30 -7.45 1.37
C GLY A 175 -19.70 -6.47 2.46
N ALA A 176 -20.98 -6.49 2.83
CA ALA A 176 -21.56 -5.55 3.80
C ALA A 176 -21.56 -6.09 5.22
N ASN A 177 -21.51 -7.42 5.37
CA ASN A 177 -21.56 -8.03 6.69
C ASN A 177 -20.16 -8.14 7.25
N SER A 178 -19.90 -7.44 8.32
CA SER A 178 -18.53 -7.48 8.87
C SER A 178 -18.22 -8.80 9.57
N GLN A 179 -19.22 -9.67 9.69
CA GLN A 179 -19.07 -10.91 10.45
C GLN A 179 -18.84 -12.13 9.61
N ASN A 180 -18.68 -11.97 8.31
CA ASN A 180 -18.34 -13.14 7.49
C ASN A 180 -17.43 -12.71 6.35
N SER A 181 -16.86 -13.67 5.61
CA SER A 181 -15.90 -13.49 4.51
C SER A 181 -14.77 -12.57 5.01
N LYS A 182 -14.28 -12.89 6.19
CA LYS A 182 -13.25 -12.13 6.86
C LYS A 182 -11.83 -12.51 6.41
N TYR A 183 -10.90 -11.59 6.59
CA TYR A 183 -9.52 -11.89 6.21
C TYR A 183 -8.53 -11.07 6.99
N TRP A 184 -7.31 -11.58 7.07
CA TRP A 184 -6.17 -10.90 7.64
C TRP A 184 -5.45 -10.25 6.48
N LEU A 185 -5.02 -8.98 6.65
CA LEU A 185 -4.23 -8.30 5.63
C LEU A 185 -2.78 -8.57 5.94
N VAL A 186 -2.10 -9.25 5.03
CA VAL A 186 -0.71 -9.69 5.28
C VAL A 186 0.29 -9.16 4.31
N LYS A 187 1.34 -8.50 4.83
CA LYS A 187 2.45 -8.00 4.02
C LYS A 187 3.49 -9.12 3.90
N ASN A 188 3.85 -9.44 2.71
CA ASN A 188 4.89 -10.46 2.48
C ASN A 188 6.22 -9.74 2.15
N SER A 189 7.30 -10.49 1.93
CA SER A 189 8.63 -9.94 1.60
C SER A 189 9.18 -10.59 0.33
N TRP A 190 8.29 -10.79 -0.68
CA TRP A 190 8.70 -11.39 -1.95
C TRP A 190 8.57 -10.39 -3.07
N GLY A 191 8.64 -9.09 -2.71
CA GLY A 191 8.56 -8.04 -3.71
C GLY A 191 7.12 -7.64 -3.99
N PRO A 192 6.93 -6.45 -4.53
CA PRO A 192 5.58 -5.94 -4.87
C PRO A 192 4.95 -6.67 -6.02
N GLU A 193 5.79 -7.40 -6.81
CA GLU A 193 5.25 -8.13 -7.94
C GLU A 193 4.57 -9.43 -7.51
N TRP A 194 4.95 -9.96 -6.34
CA TRP A 194 4.31 -11.20 -5.86
C TRP A 194 2.91 -10.90 -5.32
N GLY A 195 1.95 -11.81 -5.45
CA GLY A 195 0.66 -11.53 -4.81
C GLY A 195 -0.07 -10.29 -5.28
N SER A 196 -0.77 -9.63 -4.34
CA SER A 196 -1.48 -8.43 -4.64
C SER A 196 -0.68 -7.20 -4.21
N ASN A 197 0.24 -6.74 -5.07
CA ASN A 197 1.11 -5.62 -4.76
C ASN A 197 1.95 -5.99 -3.53
N GLY A 198 2.21 -7.27 -3.38
CA GLY A 198 3.09 -7.73 -2.29
C GLY A 198 2.37 -8.24 -1.07
N TYR A 199 1.05 -8.15 -1.12
CA TYR A 199 0.16 -8.51 -0.01
C TYR A 199 -0.72 -9.70 -0.31
N VAL A 200 -1.31 -10.25 0.75
CA VAL A 200 -2.23 -11.37 0.57
C VAL A 200 -3.35 -11.25 1.60
N LYS A 201 -4.58 -11.61 1.19
CA LYS A 201 -5.68 -11.69 2.14
C LYS A 201 -5.74 -13.14 2.61
N ILE A 202 -5.56 -13.40 3.90
CA ILE A 202 -5.63 -14.77 4.39
C ILE A 202 -6.93 -14.95 5.20
N ALA A 203 -7.65 -16.07 4.92
CA ALA A 203 -8.93 -16.36 5.58
C ALA A 203 -8.79 -16.19 7.08
N LYS A 204 -9.72 -15.41 7.69
CA LYS A 204 -9.72 -15.13 9.12
C LYS A 204 -10.96 -15.80 9.80
N ASP A 205 -10.82 -16.23 11.07
N ASP A 205 -10.77 -16.24 11.02
CA ASP A 205 -11.88 -16.94 11.79
CA ASP A 205 -11.74 -16.89 11.83
C ASP A 205 -12.23 -18.24 11.04
C ASP A 205 -12.20 -18.18 11.09
N LYS A 206 -11.21 -18.88 10.47
CA LYS A 206 -11.37 -20.18 9.80
C LYS A 206 -10.36 -21.12 10.46
N ASN A 207 -10.48 -21.26 11.78
CA ASN A 207 -9.63 -22.14 12.54
C ASN A 207 -8.16 -21.82 12.47
N ASN A 208 -7.81 -20.54 12.68
CA ASN A 208 -6.38 -20.18 12.66
C ASN A 208 -5.67 -20.70 11.38
N HIS A 209 -6.22 -20.35 10.23
CA HIS A 209 -5.75 -20.86 8.96
C HIS A 209 -4.29 -20.50 8.67
N CYS A 210 -3.48 -21.51 8.29
CA CYS A 210 -2.05 -21.35 8.01
C CYS A 210 -1.25 -20.91 9.26
N GLY A 211 -1.88 -20.98 10.44
CA GLY A 211 -1.12 -20.70 11.66
C GLY A 211 -0.92 -19.24 11.98
N ILE A 212 -1.66 -18.35 11.30
CA ILE A 212 -1.45 -16.94 11.52
C ILE A 212 -1.40 -16.47 12.98
N ALA A 213 -2.17 -17.08 13.86
CA ALA A 213 -2.15 -16.63 15.25
C ALA A 213 -1.40 -17.61 16.17
N THR A 214 -0.64 -18.53 15.62
CA THR A 214 0.10 -19.48 16.48
C THR A 214 1.33 -18.87 17.15
N ALA A 215 2.01 -17.97 16.46
CA ALA A 215 3.27 -17.41 16.97
C ALA A 215 3.38 -15.94 16.61
N ALA A 216 2.50 -15.12 17.14
CA ALA A 216 2.46 -13.70 16.80
C ALA A 216 3.09 -12.90 17.93
N SER A 217 3.79 -11.85 17.58
CA SER A 217 4.40 -11.04 18.60
C SER A 217 4.67 -9.61 18.08
N TYR A 218 4.97 -8.68 18.97
CA TYR A 218 5.32 -7.33 18.55
C TYR A 218 6.36 -6.76 19.48
N PRO A 219 7.21 -5.86 18.97
CA PRO A 219 8.23 -5.29 19.83
C PRO A 219 7.69 -4.21 20.76
N ASN A 220 8.27 -4.07 21.95
CA ASN A 220 7.86 -3.02 22.88
C ASN A 220 8.81 -1.86 22.73
N VAL A 221 8.32 -0.67 22.28
CA VAL A 221 9.22 0.46 22.07
C VAL A 221 9.02 1.54 23.13
N LEU B 1 15.38 12.95 -17.84
CA LEU B 1 14.50 12.35 -16.85
C LEU B 1 14.76 10.86 -16.70
N PRO B 2 14.41 10.24 -15.57
CA PRO B 2 14.60 8.82 -15.35
C PRO B 2 13.90 8.00 -16.41
N LYS B 3 14.35 6.78 -16.65
CA LYS B 3 13.71 5.97 -17.67
C LYS B 3 12.52 5.24 -17.08
N SER B 4 12.50 5.17 -15.76
CA SER B 4 11.41 4.52 -15.04
C SER B 4 11.18 5.21 -13.74
N VAL B 5 9.91 5.20 -13.27
CA VAL B 5 9.55 5.87 -12.05
C VAL B 5 8.41 5.13 -11.43
N ASP B 6 8.47 4.90 -10.11
CA ASP B 6 7.37 4.20 -9.45
C ASP B 6 7.25 4.76 -8.04
N TRP B 7 6.35 5.72 -7.86
CA TRP B 7 6.21 6.35 -6.56
C TRP B 7 5.72 5.39 -5.48
N ARG B 8 5.18 4.22 -5.86
CA ARG B 8 4.77 3.24 -4.87
C ARG B 8 5.98 2.82 -4.00
N LYS B 9 7.13 2.73 -4.67
CA LYS B 9 8.35 2.32 -3.92
C LYS B 9 8.89 3.35 -2.94
N LYS B 10 8.41 4.59 -3.00
CA LYS B 10 8.91 5.66 -2.15
C LYS B 10 7.97 6.06 -1.07
N GLY B 11 6.83 5.37 -0.95
CA GLY B 11 5.94 5.68 0.15
C GLY B 11 4.79 6.64 -0.12
N TYR B 12 4.58 6.98 -1.42
CA TYR B 12 3.60 8.01 -1.78
C TYR B 12 2.19 7.50 -2.00
N VAL B 13 2.01 6.18 -2.10
CA VAL B 13 0.72 5.61 -2.53
C VAL B 13 0.05 4.69 -1.52
N THR B 14 -1.23 5.00 -1.22
CA THR B 14 -2.03 4.17 -0.30
C THR B 14 -2.46 2.90 -1.10
N PRO B 15 -3.01 1.92 -0.42
CA PRO B 15 -3.44 0.71 -1.10
C PRO B 15 -4.54 0.97 -2.11
N VAL B 16 -4.76 0.03 -2.98
CA VAL B 16 -5.86 0.14 -3.97
C VAL B 16 -7.21 0.17 -3.24
N LYS B 17 -8.07 1.10 -3.62
CA LYS B 17 -9.38 1.29 -3.04
C LYS B 17 -10.45 0.85 -4.04
N ASN B 18 -11.71 0.90 -3.64
CA ASN B 18 -12.76 0.41 -4.56
C ASN B 18 -13.98 1.34 -4.45
N GLN B 19 -14.25 2.05 -5.55
CA GLN B 19 -15.38 2.95 -5.59
C GLN B 19 -16.71 2.22 -5.62
N LYS B 20 -16.74 0.92 -5.96
CA LYS B 20 -17.95 0.13 -6.03
C LYS B 20 -18.97 0.79 -6.95
N GLN B 21 -20.25 0.69 -6.66
CA GLN B 21 -21.26 1.19 -7.60
C GLN B 21 -21.68 2.62 -7.39
N CYS B 22 -20.74 3.51 -7.68
CA CYS B 22 -20.86 4.93 -7.51
C CYS B 22 -19.87 5.59 -8.46
N GLY B 23 -20.31 6.61 -9.21
CA GLY B 23 -19.43 7.29 -10.16
C GLY B 23 -18.51 8.29 -9.50
N SER B 24 -17.64 7.81 -8.58
CA SER B 24 -16.80 8.67 -7.78
C SER B 24 -15.30 8.53 -8.10
N ALA B 25 -14.95 8.02 -9.29
CA ALA B 25 -13.52 7.82 -9.59
C ALA B 25 -12.77 9.13 -9.50
N TRP B 26 -13.45 10.22 -9.86
CA TRP B 26 -12.83 11.55 -9.73
C TRP B 26 -12.37 11.83 -8.31
N ALA B 27 -13.13 11.33 -7.33
CA ALA B 27 -12.78 11.56 -5.95
C ALA B 27 -11.57 10.70 -5.54
N PHE B 28 -11.52 9.44 -6.02
CA PHE B 28 -10.38 8.56 -5.70
C PHE B 28 -9.10 9.12 -6.35
N SER B 29 -9.25 9.61 -7.55
CA SER B 29 -8.08 10.20 -8.23
C SER B 29 -7.56 11.41 -7.45
N ALA B 30 -8.48 12.31 -7.03
CA ALA B 30 -8.09 13.50 -6.28
C ALA B 30 -7.49 13.09 -4.95
N THR B 31 -8.10 12.13 -4.23
CA THR B 31 -7.43 11.77 -2.95
C THR B 31 -6.08 11.12 -3.19
N GLY B 32 -5.95 10.30 -4.29
CA GLY B 32 -4.64 9.71 -4.58
C GLY B 32 -3.57 10.79 -4.73
N ALA B 33 -3.91 11.82 -5.53
CA ALA B 33 -2.92 12.89 -5.72
C ALA B 33 -2.60 13.67 -4.44
N LEU B 34 -3.65 13.99 -3.66
CA LEU B 34 -3.43 14.76 -2.44
C LEU B 34 -2.69 13.90 -1.43
N GLU B 35 -2.94 12.56 -1.46
CA GLU B 35 -2.19 11.68 -0.56
C GLU B 35 -0.69 11.74 -0.87
N GLY B 36 -0.33 11.72 -2.15
CA GLY B 36 1.08 11.82 -2.48
C GLY B 36 1.69 13.16 -2.09
N GLN B 37 0.98 14.29 -2.34
CA GLN B 37 1.57 15.60 -2.02
C GLN B 37 1.67 15.82 -0.54
N MET B 38 0.66 15.37 0.24
CA MET B 38 0.75 15.49 1.68
C MET B 38 1.89 14.65 2.23
N PHE B 39 2.12 13.44 1.62
CA PHE B 39 3.25 12.58 2.03
C PHE B 39 4.56 13.30 1.84
N ARG B 40 4.68 13.88 0.65
CA ARG B 40 5.89 14.59 0.36
C ARG B 40 6.16 15.71 1.34
N LYS B 41 5.11 16.37 1.78
CA LYS B 41 5.26 17.50 2.71
C LYS B 41 5.52 17.11 4.16
N THR B 42 4.94 15.99 4.61
CA THR B 42 5.02 15.62 6.04
C THR B 42 5.70 14.30 6.40
N GLY B 43 6.02 13.47 5.41
CA GLY B 43 6.53 12.13 5.69
C GLY B 43 5.45 11.18 6.19
N LYS B 44 4.18 11.62 6.23
CA LYS B 44 3.11 10.74 6.73
C LYS B 44 2.13 10.41 5.61
N LEU B 45 1.99 9.13 5.31
CA LEU B 45 1.03 8.65 4.28
C LEU B 45 -0.27 8.37 5.00
N VAL B 46 -1.28 9.21 4.77
CA VAL B 46 -2.56 9.07 5.41
C VAL B 46 -3.70 9.04 4.39
N SER B 47 -4.48 7.96 4.38
CA SER B 47 -5.61 7.83 3.46
C SER B 47 -6.63 8.96 3.66
N LEU B 48 -7.10 9.54 2.55
CA LEU B 48 -8.03 10.66 2.62
C LEU B 48 -9.45 10.27 2.25
N SER B 49 -10.44 11.07 2.69
CA SER B 49 -11.84 10.73 2.48
C SER B 49 -12.48 11.04 1.14
N GLU B 50 -12.71 10.00 0.33
CA GLU B 50 -13.47 10.15 -0.90
C GLU B 50 -14.90 10.53 -0.53
N GLN B 51 -15.44 9.96 0.58
CA GLN B 51 -16.84 10.28 0.91
C GLN B 51 -17.03 11.74 1.21
N ASN B 52 -16.01 12.34 1.81
CA ASN B 52 -16.02 13.77 2.14
C ASN B 52 -16.19 14.55 0.85
N LEU B 53 -15.39 14.18 -0.16
CA LEU B 53 -15.50 14.83 -1.47
C LEU B 53 -16.88 14.58 -2.11
N VAL B 54 -17.34 13.32 -2.12
CA VAL B 54 -18.64 13.00 -2.73
C VAL B 54 -19.78 13.81 -2.07
N ASP B 55 -19.78 13.86 -0.77
CA ASP B 55 -20.90 14.48 -0.05
C ASP B 55 -20.87 15.98 0.00
N CYS B 56 -19.67 16.56 -0.06
CA CYS B 56 -19.50 17.99 0.21
C CYS B 56 -19.14 18.92 -0.90
N SER B 57 -18.78 18.43 -2.07
CA SER B 57 -18.28 19.34 -3.10
C SER B 57 -19.23 19.69 -4.23
N ARG B 58 -20.54 19.60 -3.99
CA ARG B 58 -21.49 19.99 -5.06
C ARG B 58 -21.34 21.46 -5.37
N PRO B 59 -21.08 22.33 -4.36
CA PRO B 59 -20.90 23.77 -4.62
C PRO B 59 -19.84 24.05 -5.64
N GLN B 60 -18.76 23.20 -5.70
CA GLN B 60 -17.69 23.41 -6.64
C GLN B 60 -17.95 22.81 -8.02
N GLY B 61 -19.13 22.22 -8.21
CA GLY B 61 -19.48 21.66 -9.50
C GLY B 61 -19.38 20.15 -9.62
N ASN B 62 -19.12 19.41 -8.52
CA ASN B 62 -19.08 17.95 -8.59
C ASN B 62 -20.48 17.40 -8.40
N GLN B 63 -20.73 16.15 -8.80
CA GLN B 63 -22.03 15.55 -8.75
C GLN B 63 -22.05 14.23 -7.98
N GLY B 64 -21.16 14.13 -7.02
CA GLY B 64 -21.16 12.92 -6.19
C GLY B 64 -20.97 11.63 -6.97
N CYS B 65 -21.93 10.70 -6.83
CA CYS B 65 -21.84 9.41 -7.49
C CYS B 65 -22.22 9.57 -8.97
N ASN B 66 -22.67 10.79 -9.36
CA ASN B 66 -22.99 10.98 -10.79
C ASN B 66 -21.84 11.65 -11.53
N GLY B 67 -20.63 11.66 -10.94
CA GLY B 67 -19.46 12.19 -11.63
C GLY B 67 -18.93 13.48 -11.06
N GLY B 68 -17.78 13.88 -11.57
CA GLY B 68 -17.13 15.10 -11.07
C GLY B 68 -15.75 15.25 -11.68
N PHE B 69 -14.94 16.16 -11.16
CA PHE B 69 -13.60 16.37 -11.73
C PHE B 69 -12.62 16.54 -10.63
N MET B 70 -11.41 16.04 -10.81
CA MET B 70 -10.40 16.18 -9.76
C MET B 70 -10.13 17.65 -9.46
N ALA B 71 -10.09 18.49 -10.50
CA ALA B 71 -9.81 19.89 -10.23
C ALA B 71 -10.82 20.54 -9.32
N ARG B 72 -12.09 20.18 -9.47
CA ARG B 72 -13.08 20.79 -8.61
C ARG B 72 -12.94 20.26 -7.19
N ALA B 73 -12.42 19.01 -7.06
CA ALA B 73 -12.16 18.50 -5.74
C ALA B 73 -11.04 19.29 -5.08
N PHE B 74 -9.93 19.58 -5.81
CA PHE B 74 -8.85 20.31 -5.17
C PHE B 74 -9.37 21.73 -4.80
N GLN B 75 -10.29 22.26 -5.63
CA GLN B 75 -10.90 23.60 -5.38
C GLN B 75 -11.71 23.54 -4.09
N TYR B 76 -12.52 22.44 -3.92
CA TYR B 76 -13.25 22.28 -2.67
C TYR B 76 -12.32 22.28 -1.45
N VAL B 77 -11.24 21.48 -1.51
CA VAL B 77 -10.31 21.39 -0.37
C VAL B 77 -9.79 22.78 0.01
N LYS B 78 -9.39 23.51 -0.99
CA LYS B 78 -8.91 24.88 -0.81
C LYS B 78 -9.93 25.80 -0.12
N GLU B 79 -11.13 25.87 -0.68
CA GLU B 79 -12.21 26.73 -0.17
C GLU B 79 -12.70 26.28 1.18
N ASN B 80 -12.64 24.97 1.40
CA ASN B 80 -13.09 24.41 2.65
C ASN B 80 -12.10 24.52 3.73
N GLY B 81 -10.83 24.70 3.38
CA GLY B 81 -9.79 24.80 4.41
C GLY B 81 -9.32 23.45 4.92
N GLY B 82 -9.82 22.35 4.32
CA GLY B 82 -9.37 21.04 4.75
C GLY B 82 -10.11 19.88 4.09
N LEU B 83 -9.69 18.66 4.45
CA LEU B 83 -10.26 17.42 3.91
C LEU B 83 -10.04 16.33 5.02
N ASP B 84 -11.12 15.63 5.40
CA ASP B 84 -11.04 14.65 6.47
C ASP B 84 -10.33 13.37 6.08
N SER B 85 -9.78 12.70 7.09
CA SER B 85 -9.15 11.41 6.83
C SER B 85 -10.18 10.36 6.47
N GLU B 86 -9.73 9.36 5.74
CA GLU B 86 -10.59 8.22 5.40
C GLU B 86 -11.11 7.56 6.68
N GLU B 87 -10.21 7.42 7.68
CA GLU B 87 -10.59 6.80 8.94
C GLU B 87 -11.77 7.51 9.60
N SER B 88 -11.75 8.82 9.61
CA SER B 88 -12.85 9.57 10.25
C SER B 88 -14.13 9.71 9.46
N TYR B 89 -14.06 9.63 8.12
CA TYR B 89 -15.19 9.89 7.24
C TYR B 89 -15.15 8.78 6.18
N PRO B 90 -15.61 7.58 6.56
CA PRO B 90 -15.61 6.38 5.72
C PRO B 90 -16.47 6.41 4.50
N TYR B 91 -16.05 5.58 3.55
CA TYR B 91 -16.70 5.53 2.23
C TYR B 91 -17.80 4.52 2.19
N VAL B 92 -19.00 4.92 1.73
CA VAL B 92 -20.11 3.98 1.65
C VAL B 92 -20.64 3.90 0.22
N ALA B 93 -19.96 4.58 -0.72
CA ALA B 93 -20.34 4.47 -2.15
C ALA B 93 -21.77 4.90 -2.52
N VAL B 94 -22.33 5.91 -1.80
CA VAL B 94 -23.64 6.47 -2.15
C VAL B 94 -23.54 7.97 -1.85
N ASP B 95 -24.41 8.77 -2.45
N ASP B 95 -24.38 8.79 -2.44
CA ASP B 95 -24.42 10.20 -2.16
CA ASP B 95 -24.24 10.18 -2.06
C ASP B 95 -25.02 10.45 -0.81
C ASP B 95 -25.00 10.48 -0.81
N GLU B 96 -24.30 11.12 0.09
CA GLU B 96 -24.85 11.39 1.43
C GLU B 96 -24.71 12.87 1.82
N ILE B 97 -25.27 13.24 2.99
CA ILE B 97 -25.19 14.64 3.46
C ILE B 97 -23.82 14.94 3.97
N CYS B 98 -23.29 16.15 3.67
CA CYS B 98 -21.96 16.54 4.11
C CYS B 98 -21.77 16.43 5.61
N LYS B 99 -20.71 15.76 6.05
CA LYS B 99 -20.43 15.62 7.49
C LYS B 99 -19.02 16.07 7.79
N TYR B 100 -18.51 17.02 7.01
CA TYR B 100 -17.13 17.47 7.23
C TYR B 100 -16.92 18.09 8.62
N ARG B 101 -15.83 17.67 9.29
CA ARG B 101 -15.41 18.25 10.56
C ARG B 101 -13.98 18.73 10.46
N PRO B 102 -13.72 20.01 10.74
CA PRO B 102 -12.35 20.53 10.67
C PRO B 102 -11.38 19.79 11.61
N GLU B 103 -11.89 19.33 12.75
CA GLU B 103 -11.04 18.65 13.75
C GLU B 103 -10.49 17.36 13.21
N ASN B 104 -11.11 16.84 12.15
CA ASN B 104 -10.69 15.59 11.53
C ASN B 104 -9.92 15.81 10.24
N SER B 105 -9.66 17.08 9.85
CA SER B 105 -8.92 17.33 8.61
C SER B 105 -7.46 16.91 8.76
N VAL B 106 -6.85 16.34 7.70
CA VAL B 106 -5.44 15.95 7.72
C VAL B 106 -4.78 16.39 6.44
N ALA B 107 -5.48 17.20 5.64
CA ALA B 107 -4.87 17.69 4.39
C ALA B 107 -5.43 19.07 4.03
N GLN B 108 -4.65 19.83 3.28
CA GLN B 108 -5.02 21.13 2.76
C GLN B 108 -4.36 21.35 1.41
N ASP B 109 -4.94 22.22 0.55
CA ASP B 109 -4.25 22.60 -0.67
C ASP B 109 -4.64 24.06 -0.95
N THR B 110 -3.83 24.73 -1.75
CA THR B 110 -4.02 26.16 -2.06
C THR B 110 -4.49 26.33 -3.47
N GLY B 111 -4.91 25.24 -4.10
CA GLY B 111 -5.27 25.27 -5.49
C GLY B 111 -4.64 24.04 -6.13
N PHE B 112 -4.48 24.08 -7.46
CA PHE B 112 -3.89 22.98 -8.20
C PHE B 112 -3.13 23.47 -9.43
N THR B 113 -2.30 22.59 -9.99
CA THR B 113 -1.51 22.85 -11.19
C THR B 113 -1.93 21.92 -12.30
N VAL B 114 -2.17 22.51 -13.47
CA VAL B 114 -2.53 21.75 -14.66
C VAL B 114 -1.32 21.46 -15.53
N VAL B 115 -1.12 20.19 -15.86
CA VAL B 115 -0.06 19.78 -16.77
C VAL B 115 -0.45 20.19 -18.19
N ALA B 116 0.52 20.59 -19.02
CA ALA B 116 0.21 20.99 -20.41
C ALA B 116 -0.66 19.94 -21.10
N PRO B 117 -1.89 20.30 -21.52
CA PRO B 117 -2.75 19.30 -22.18
C PRO B 117 -2.24 18.60 -23.44
N GLY B 118 -2.47 17.25 -23.55
CA GLY B 118 -2.08 16.50 -24.73
C GLY B 118 -0.59 16.23 -24.86
N LYS B 119 0.20 16.65 -23.86
CA LYS B 119 1.65 16.51 -23.92
C LYS B 119 2.20 15.44 -22.97
N GLU B 120 2.49 14.24 -23.51
CA GLU B 120 2.99 13.12 -22.71
C GLU B 120 4.34 13.43 -22.15
N LYS B 121 5.13 14.25 -22.88
CA LYS B 121 6.42 14.56 -22.29
C LYS B 121 6.25 15.50 -21.12
N ALA B 122 5.22 16.38 -21.15
CA ALA B 122 5.02 17.25 -20.00
C ALA B 122 4.50 16.43 -18.80
N LEU B 123 3.71 15.40 -19.10
CA LEU B 123 3.23 14.55 -18.02
C LEU B 123 4.40 13.76 -17.43
N MET B 124 5.29 13.31 -18.30
CA MET B 124 6.44 12.50 -17.83
C MET B 124 7.28 13.33 -16.87
N LYS B 125 7.46 14.62 -17.22
CA LYS B 125 8.21 15.53 -16.40
C LYS B 125 7.49 15.79 -15.09
N ALA B 126 6.14 15.98 -15.12
CA ALA B 126 5.44 16.20 -13.88
C ALA B 126 5.54 14.95 -12.98
N VAL B 127 5.34 13.79 -13.60
CA VAL B 127 5.39 12.54 -12.81
C VAL B 127 6.77 12.36 -12.17
N ALA B 128 7.82 12.59 -12.96
CA ALA B 128 9.19 12.43 -12.45
C ALA B 128 9.55 13.37 -11.31
N THR B 129 8.96 14.57 -11.31
CA THR B 129 9.33 15.58 -10.32
C THR B 129 8.32 15.93 -9.25
N VAL B 130 7.04 15.56 -9.42
CA VAL B 130 6.06 15.97 -8.43
C VAL B 130 5.61 14.86 -7.51
N GLY B 131 5.36 13.70 -8.12
CA GLY B 131 4.76 12.59 -7.42
C GLY B 131 3.58 12.11 -8.24
N PRO B 132 2.68 11.35 -7.62
CA PRO B 132 1.52 10.88 -8.40
C PRO B 132 0.66 12.03 -8.98
N ILE B 133 0.12 11.82 -10.18
CA ILE B 133 -0.66 12.87 -10.87
C ILE B 133 -2.05 12.39 -11.19
N SER B 134 -3.04 13.23 -10.89
CA SER B 134 -4.43 12.87 -11.28
C SER B 134 -4.61 13.02 -12.77
N VAL B 135 -5.24 12.02 -13.45
CA VAL B 135 -5.45 12.10 -14.88
C VAL B 135 -6.84 11.56 -15.21
N ALA B 136 -7.37 12.01 -16.35
CA ALA B 136 -8.64 11.53 -16.89
C ALA B 136 -8.33 10.56 -18.01
N MET B 137 -9.17 9.52 -18.24
CA MET B 137 -8.90 8.62 -19.36
C MET B 137 -10.22 8.12 -19.92
N ASP B 138 -10.15 7.50 -21.09
CA ASP B 138 -11.29 6.90 -21.71
C ASP B 138 -11.25 5.44 -21.26
N ALA B 139 -12.09 5.07 -20.28
CA ALA B 139 -12.14 3.70 -19.76
C ALA B 139 -13.39 3.03 -20.30
N GLY B 140 -14.03 3.68 -21.27
CA GLY B 140 -15.30 3.20 -21.82
C GLY B 140 -15.28 2.07 -22.85
N HIS B 141 -14.52 1.01 -22.58
CA HIS B 141 -14.39 -0.13 -23.48
C HIS B 141 -14.32 -1.41 -22.69
N SER B 142 -14.94 -2.49 -23.19
CA SER B 142 -14.89 -3.76 -22.48
C SER B 142 -13.48 -4.28 -22.23
N SER B 143 -12.56 -3.99 -23.16
CA SER B 143 -11.17 -4.40 -23.00
C SER B 143 -10.61 -3.88 -21.64
N PHE B 144 -11.12 -2.73 -21.17
CA PHE B 144 -10.61 -2.17 -19.90
C PHE B 144 -11.18 -2.92 -18.72
N GLN B 145 -12.49 -3.23 -18.78
CA GLN B 145 -13.10 -3.99 -17.72
C GLN B 145 -12.44 -5.33 -17.52
N PHE B 146 -12.03 -5.96 -18.62
CA PHE B 146 -11.45 -7.30 -18.52
C PHE B 146 -9.92 -7.34 -18.56
N TYR B 147 -9.30 -6.17 -18.45
CA TYR B 147 -7.85 -6.09 -18.45
C TYR B 147 -7.25 -6.92 -17.31
N LYS B 148 -6.17 -7.65 -17.60
CA LYS B 148 -5.53 -8.45 -16.58
C LYS B 148 -4.05 -8.17 -16.47
N SER B 149 -3.37 -8.03 -17.58
CA SER B 149 -1.93 -7.83 -17.49
C SER B 149 -1.35 -7.31 -18.76
N GLY B 150 -0.11 -6.86 -18.70
CA GLY B 150 0.54 -6.34 -19.89
C GLY B 150 0.23 -4.87 -20.17
N ILE B 151 0.64 -4.41 -21.35
CA ILE B 151 0.42 -3.03 -21.70
C ILE B 151 -0.91 -2.96 -22.36
N TYR B 152 -1.77 -2.15 -21.80
CA TYR B 152 -3.07 -1.96 -22.38
C TYR B 152 -3.06 -1.07 -23.60
N PHE B 153 -3.62 -1.58 -24.70
CA PHE B 153 -3.77 -0.79 -25.94
C PHE B 153 -5.13 -1.14 -26.52
N GLU B 154 -6.02 -0.15 -26.58
CA GLU B 154 -7.36 -0.27 -27.11
C GLU B 154 -7.47 0.59 -28.36
N PRO B 155 -7.58 0.00 -29.53
CA PRO B 155 -7.69 0.76 -30.79
C PRO B 155 -8.80 1.76 -30.82
N ASP B 156 -9.89 1.45 -30.12
CA ASP B 156 -10.99 2.39 -30.15
C ASP B 156 -10.90 3.46 -29.05
N CYS B 157 -9.72 3.63 -28.39
CA CYS B 157 -9.62 4.64 -27.32
C CYS B 157 -9.64 6.06 -27.85
N SER B 158 -10.32 6.96 -27.15
CA SER B 158 -10.34 8.38 -27.49
C SER B 158 -9.39 9.10 -26.56
N SER B 159 -8.70 10.13 -27.04
CA SER B 159 -7.86 10.94 -26.17
C SER B 159 -8.61 12.20 -25.76
N LYS B 160 -9.88 12.35 -26.22
CA LYS B 160 -10.62 13.59 -25.94
C LYS B 160 -11.87 13.41 -25.17
N ASN B 161 -12.49 12.26 -25.38
CA ASN B 161 -13.75 11.99 -24.72
C ASN B 161 -13.43 11.09 -23.60
N LEU B 162 -13.37 11.66 -22.39
CA LEU B 162 -12.93 10.89 -21.22
C LEU B 162 -13.99 10.73 -20.19
N ASP B 163 -13.95 9.58 -19.51
CA ASP B 163 -15.01 9.32 -18.57
C ASP B 163 -14.56 8.76 -17.25
N HIS B 164 -13.26 8.79 -17.02
CA HIS B 164 -12.83 8.12 -15.78
C HIS B 164 -11.58 8.75 -15.22
N GLY B 165 -11.56 8.98 -13.91
CA GLY B 165 -10.39 9.60 -13.30
C GLY B 165 -9.54 8.52 -12.64
N VAL B 166 -8.25 8.58 -12.86
CA VAL B 166 -7.30 7.59 -12.30
C VAL B 166 -6.07 8.32 -11.85
N LEU B 167 -5.07 7.57 -11.40
CA LEU B 167 -3.85 8.17 -10.89
C LEU B 167 -2.59 7.59 -11.49
N VAL B 168 -1.75 8.45 -12.08
CA VAL B 168 -0.51 7.95 -12.66
C VAL B 168 0.50 7.97 -11.55
N VAL B 169 1.07 6.83 -11.19
CA VAL B 169 2.03 6.77 -10.08
C VAL B 169 3.43 6.54 -10.58
N GLY B 170 3.57 6.47 -11.89
CA GLY B 170 4.89 6.25 -12.50
C GLY B 170 4.82 5.94 -13.98
N TYR B 171 5.94 5.45 -14.55
CA TYR B 171 6.01 5.05 -15.93
C TYR B 171 7.20 4.12 -16.07
N GLY B 172 7.25 3.42 -17.15
CA GLY B 172 8.32 2.47 -17.33
C GLY B 172 8.35 1.91 -18.73
N PHE B 173 8.99 0.78 -18.85
CA PHE B 173 9.12 0.11 -20.12
C PHE B 173 9.30 -1.39 -19.87
N GLU B 174 8.77 -2.22 -20.75
CA GLU B 174 8.93 -3.68 -20.67
C GLU B 174 10.07 -4.07 -21.57
N GLY B 175 10.90 -5.03 -21.14
CA GLY B 175 12.03 -5.43 -21.97
C GLY B 175 13.33 -4.71 -21.66
N ALA B 176 14.29 -4.78 -22.59
CA ALA B 176 15.59 -4.15 -22.35
C ALA B 176 15.69 -2.76 -22.89
N ASN B 177 14.92 -2.45 -23.92
CA ASN B 177 15.04 -1.10 -24.44
C ASN B 177 14.13 -0.11 -23.73
N SER B 178 14.73 0.94 -23.15
CA SER B 178 14.03 1.98 -22.40
C SER B 178 13.04 2.77 -23.25
N GLN B 179 13.13 2.61 -24.56
CA GLN B 179 12.25 3.34 -25.47
C GLN B 179 11.32 2.44 -26.23
N ASN B 180 11.24 1.17 -25.83
CA ASN B 180 10.31 0.31 -26.53
C ASN B 180 9.35 -0.23 -25.52
N SER B 181 8.04 -0.32 -25.85
CA SER B 181 7.06 -0.85 -24.91
C SER B 181 6.93 0.00 -23.68
N LYS B 182 6.83 1.28 -23.88
CA LYS B 182 6.69 2.18 -22.76
C LYS B 182 5.28 2.20 -22.20
N TYR B 183 5.14 2.50 -20.92
CA TYR B 183 3.80 2.56 -20.37
C TYR B 183 3.69 3.53 -19.20
N TRP B 184 2.46 3.95 -18.91
CA TRP B 184 2.16 4.74 -17.75
C TRP B 184 1.71 3.76 -16.66
N LEU B 185 2.20 3.87 -15.42
CA LEU B 185 1.77 3.01 -14.30
C LEU B 185 0.54 3.68 -13.71
N VAL B 186 -0.63 3.05 -13.79
CA VAL B 186 -1.88 3.68 -13.36
C VAL B 186 -2.62 2.93 -12.26
N LYS B 187 -2.90 3.64 -11.19
CA LYS B 187 -3.67 3.11 -10.05
C LYS B 187 -5.15 3.34 -10.38
N ASN B 188 -5.91 2.28 -10.39
CA ASN B 188 -7.37 2.38 -10.59
C ASN B 188 -8.09 2.36 -9.23
N SER B 189 -9.40 2.53 -9.24
CA SER B 189 -10.17 2.54 -8.00
C SER B 189 -11.28 1.49 -8.12
N TRP B 190 -10.98 0.37 -8.72
CA TRP B 190 -11.95 -0.73 -8.85
C TRP B 190 -11.55 -1.95 -7.98
N GLY B 191 -10.82 -1.74 -6.87
CA GLY B 191 -10.40 -2.87 -6.06
C GLY B 191 -9.15 -3.56 -6.55
N PRO B 192 -8.47 -4.35 -5.68
CA PRO B 192 -7.23 -5.06 -6.04
C PRO B 192 -7.47 -6.29 -6.92
N GLU B 193 -8.73 -6.70 -7.08
CA GLU B 193 -8.97 -7.88 -7.91
C GLU B 193 -9.01 -7.51 -9.38
N TRP B 194 -9.49 -6.32 -9.67
CA TRP B 194 -9.48 -5.86 -11.08
C TRP B 194 -8.07 -5.65 -11.63
N GLY B 195 -7.86 -6.00 -12.89
CA GLY B 195 -6.57 -5.74 -13.49
C GLY B 195 -5.46 -6.52 -12.84
N SER B 196 -4.30 -5.89 -12.78
CA SER B 196 -3.12 -6.44 -12.22
C SER B 196 -3.05 -5.88 -10.82
N ASN B 197 -3.80 -6.52 -9.92
CA ASN B 197 -3.77 -6.06 -8.56
C ASN B 197 -4.24 -4.63 -8.42
N GLY B 198 -5.21 -4.21 -9.26
CA GLY B 198 -5.79 -2.87 -9.12
C GLY B 198 -5.10 -1.83 -9.97
N TYR B 199 -4.01 -2.25 -10.63
CA TYR B 199 -3.22 -1.32 -11.44
C TYR B 199 -3.32 -1.68 -12.92
N VAL B 200 -2.97 -0.70 -13.77
CA VAL B 200 -2.94 -1.02 -15.22
C VAL B 200 -1.75 -0.29 -15.86
N LYS B 201 -1.09 -0.95 -16.82
CA LYS B 201 0.01 -0.38 -17.57
C LYS B 201 -0.61 0.16 -18.85
N ILE B 202 -0.65 1.46 -19.03
CA ILE B 202 -1.27 1.98 -20.27
C ILE B 202 -0.20 2.44 -21.23
N ALA B 203 -0.37 2.10 -22.50
CA ALA B 203 0.67 2.44 -23.49
C ALA B 203 1.07 3.90 -23.43
N LYS B 204 2.40 4.15 -23.37
CA LYS B 204 2.93 5.49 -23.23
C LYS B 204 3.63 5.87 -24.54
N ASP B 205 3.52 7.14 -24.90
CA ASP B 205 4.06 7.70 -26.15
C ASP B 205 3.51 7.01 -27.36
N LYS B 206 2.24 6.66 -27.28
CA LYS B 206 1.55 6.07 -28.41
C LYS B 206 0.40 6.98 -28.75
N ASN B 207 0.70 8.28 -28.86
CA ASN B 207 -0.28 9.29 -29.25
C ASN B 207 -1.32 9.61 -28.17
N ASN B 208 -0.87 9.82 -26.91
CA ASN B 208 -1.74 10.14 -25.80
C ASN B 208 -2.88 9.13 -25.72
N HIS B 209 -2.51 7.85 -25.66
CA HIS B 209 -3.46 6.77 -25.65
C HIS B 209 -4.44 6.85 -24.50
N CYS B 210 -5.75 6.75 -24.85
CA CYS B 210 -6.84 6.84 -23.88
C CYS B 210 -6.89 8.19 -23.17
N GLY B 211 -6.10 9.16 -23.63
CA GLY B 211 -6.20 10.50 -23.06
C GLY B 211 -5.49 10.76 -21.75
N ILE B 212 -4.56 9.88 -21.37
CA ILE B 212 -3.86 10.06 -20.07
C ILE B 212 -3.28 11.45 -19.84
N ALA B 213 -2.82 12.10 -20.93
CA ALA B 213 -2.19 13.42 -20.76
C ALA B 213 -3.10 14.58 -21.16
N THR B 214 -4.36 14.27 -21.42
CA THR B 214 -5.30 15.34 -21.85
C THR B 214 -5.72 16.26 -20.73
N ALA B 215 -5.90 15.71 -19.51
CA ALA B 215 -6.35 16.54 -18.44
C ALA B 215 -5.72 16.11 -17.13
N ALA B 216 -4.41 16.32 -17.04
CA ALA B 216 -3.64 15.90 -15.88
C ALA B 216 -3.44 17.07 -14.92
N SER B 217 -3.53 16.82 -13.62
CA SER B 217 -3.35 17.88 -12.64
C SER B 217 -2.90 17.34 -11.30
N TYR B 218 -2.46 18.22 -10.44
CA TYR B 218 -2.09 17.81 -9.07
C TYR B 218 -2.33 18.96 -8.11
N PRO B 219 -2.64 18.69 -6.84
CA PRO B 219 -2.88 19.79 -5.89
C PRO B 219 -1.62 20.46 -5.43
N ASN B 220 -1.72 21.74 -5.02
CA ASN B 220 -0.61 22.49 -4.47
C ASN B 220 -0.72 22.49 -2.98
N VAL B 221 0.24 21.87 -2.28
CA VAL B 221 0.19 21.81 -0.83
C VAL B 221 1.32 22.66 -0.26
N ASP C 7 12.76 -22.83 12.17
CA ASP C 7 13.29 -21.67 11.50
C ASP C 7 12.30 -21.15 10.52
N LEU C 8 12.09 -19.87 10.55
CA LEU C 8 11.20 -19.30 9.59
C LEU C 8 12.12 -18.77 8.54
N GLU C 9 11.95 -19.22 7.31
CA GLU C 9 12.80 -18.76 6.21
C GLU C 9 11.98 -17.83 5.34
N NH2 C 10 10.66 -18.09 5.30
HN1 NH2 C 10 10.15 -17.51 4.74
HN2 NH2 C 10 10.21 -18.78 5.75
N ASP D 7 -18.46 14.58 -17.31
CA ASP D 7 -17.59 14.47 -16.14
C ASP D 7 -17.05 13.06 -16.02
N LEU D 8 -16.29 12.83 -14.95
CA LEU D 8 -15.64 11.56 -14.78
C LEU D 8 -16.28 10.69 -13.75
N GLU D 9 -16.74 9.52 -14.17
CA GLU D 9 -17.37 8.58 -13.26
C GLU D 9 -16.40 7.51 -12.90
N NH2 D 10 -15.57 7.14 -13.89
HN1 NH2 D 10 -15.00 6.45 -13.72
HN2 NH2 D 10 -15.56 7.57 -14.76
C1 MPD E . 9.24 -18.01 -3.94
C2 MPD E . 8.98 -17.14 -5.18
O2 MPD E . 8.76 -17.95 -6.32
CM MPD E . 7.75 -16.26 -4.94
C3 MPD E . 10.15 -16.29 -5.52
C4 MPD E . 10.47 -15.22 -4.55
O4 MPD E . 10.92 -15.84 -3.36
C5 MPD E . 11.54 -14.35 -5.15
C1 MPD F . 10.10 -22.04 2.27
C2 MPD F . 9.29 -20.98 1.56
O2 MPD F . 8.33 -20.43 2.48
CM MPD F . 10.23 -19.87 1.09
C3 MPD F . 8.56 -21.58 0.36
C4 MPD F . 8.22 -20.67 -0.80
O4 MPD F . 9.35 -20.59 -1.67
C5 MPD F . 7.07 -21.24 -1.58
CL CL G . 8.95 -15.52 16.54
CL CL H . -2.97 -2.57 -2.68
C1 GOL I . 7.31 -27.61 -1.56
O1 GOL I . 7.08 -28.69 -0.69
C2 GOL I . 7.26 -26.29 -0.82
O2 GOL I . 8.50 -26.09 -0.14
C3 GOL I . 7.13 -25.26 -1.90
O3 GOL I . 6.26 -25.76 -2.90
C1 GOL J . -3.83 -5.85 -1.75
O1 GOL J . -3.80 -4.75 -0.91
C2 GOL J . -4.37 -7.10 -1.06
O2 GOL J . -5.40 -6.77 -0.17
C3 GOL J . -5.04 -7.86 -2.15
O3 GOL J . -5.39 -9.17 -1.85
C1 MPD K . 9.15 7.71 4.55
C2 MPD K . 9.90 6.50 4.06
O2 MPD K . 11.18 6.48 4.68
CM MPD K . 9.16 5.22 4.42
C3 MPD K . 10.12 6.53 2.55
C4 MPD K . 10.71 5.27 1.95
O4 MPD K . 11.49 4.61 2.95
C5 MPD K . 9.60 4.34 1.56
C1 MPD L . -15.07 -3.46 -13.04
C2 MPD L . -16.34 -2.84 -12.48
O2 MPD L . -16.92 -1.98 -13.47
CM MPD L . -17.33 -3.95 -12.13
C3 MPD L . -15.97 -2.03 -11.24
C4 MPD L . -17.07 -1.47 -10.34
O4 MPD L . -17.68 -2.55 -9.63
C5 MPD L . -16.39 -0.58 -9.34
C1 MPD M . -17.61 3.55 -15.17
C2 MPD M . -17.03 3.96 -16.52
O2 MPD M . -17.68 5.15 -16.98
CM MPD M . -15.54 4.25 -16.36
C3 MPD M . -17.29 2.87 -17.54
C4 MPD M . -16.70 1.51 -17.33
O4 MPD M . -17.27 0.64 -18.29
C5 MPD M . -15.25 1.62 -17.60
C1 GOL N . -16.29 13.12 9.63
O1 GOL N . -15.92 14.26 10.31
C2 GOL N . -17.60 12.58 10.15
O2 GOL N . -17.74 11.25 9.67
C3 GOL N . -17.58 12.56 11.68
O3 GOL N . -16.50 11.76 12.15
CL CL O . -10.14 17.49 -13.44
#